data_4ZYT
#
_entry.id   4ZYT
#
_cell.length_a   75.174
_cell.length_b   75.174
_cell.length_c   100.550
_cell.angle_alpha   90.000
_cell.angle_beta   90.000
_cell.angle_gamma   120.000
#
_symmetry.space_group_name_H-M   'P 32 2 1'
#
loop_
_entity.id
_entity.type
_entity.pdbx_description
1 polymer 'Trifunctional purine biosynthetic protein adenosine-3'
2 non-polymer 'GLYCINAMIDE RIBONUCLEOTIDE'
3 non-polymer 'N-{4-[4-(2-amino-4-oxo-4,7-dihydro-3H-pyrrolo[2,3-d]pyrimidin-6-yl)butyl]benzoyl}-L-glutamic acid'
4 water water
#
_entity_poly.entity_id   1
_entity_poly.type   'polypeptide(L)'
_entity_poly.pdbx_seq_one_letter_code
;MARVAVLISGTGSNLQALIDSTREPNSSAQIDIVISNKAAVAGLDKAERAGIPTRVINHKLYKNRVEFDSAIDLVLEEFS
IDIVCLAGFMRILSGPFVQKWNGKMLNIHPSLLPSFKGSNAHEQALETGVTVTGCTVHFVAEDVDAGQIILQEAVPVKRG
DTVATLSERVKLAEHKIFPAALQLVASGTVQLGENGKICWVKEEHHHHHH
;
_entity_poly.pdbx_strand_id   A
#
# COMPACT_ATOMS: atom_id res chain seq x y z
N ALA A 2 15.01 7.92 0.53
CA ALA A 2 14.41 7.02 -0.45
C ALA A 2 13.22 7.68 -1.14
N ARG A 3 13.13 7.45 -2.44
CA ARG A 3 12.10 8.06 -3.29
C ARG A 3 10.91 7.11 -3.44
N VAL A 4 9.71 7.62 -3.14
CA VAL A 4 8.53 6.76 -3.02
C VAL A 4 7.44 7.14 -4.01
N ALA A 5 6.84 6.12 -4.63
CA ALA A 5 5.61 6.29 -5.37
C ALA A 5 4.48 5.71 -4.55
N VAL A 6 3.33 6.40 -4.50
CA VAL A 6 2.15 5.83 -3.86
C VAL A 6 1.10 5.56 -4.92
N LEU A 7 0.62 4.32 -4.96
CA LEU A 7 -0.41 3.93 -5.93
C LEU A 7 -1.75 3.84 -5.22
N ILE A 8 -2.79 4.39 -5.83
CA ILE A 8 -4.11 4.48 -5.22
C ILE A 8 -5.21 4.09 -6.22
N SER A 9 -6.40 3.79 -5.71
CA SER A 9 -7.58 3.60 -6.54
C SER A 9 -8.78 4.42 -6.05
N GLY A 10 -8.64 5.11 -4.92
CA GLY A 10 -9.80 5.74 -4.33
C GLY A 10 -9.60 6.94 -3.43
N THR A 11 -10.16 6.87 -2.23
CA THR A 11 -10.27 7.99 -1.31
C THR A 11 -8.93 8.58 -0.93
N GLY A 12 -7.97 7.71 -0.60
CA GLY A 12 -6.63 8.15 -0.30
C GLY A 12 -6.37 8.58 1.13
N SER A 13 -7.10 8.05 2.10
CA SER A 13 -6.77 8.34 3.49
C SER A 13 -5.39 7.79 3.87
N ASN A 14 -5.04 6.62 3.35
CA ASN A 14 -3.69 6.09 3.63
C ASN A 14 -2.62 6.96 2.98
N LEU A 15 -2.87 7.40 1.75
CA LEU A 15 -1.99 8.35 1.09
C LEU A 15 -1.77 9.60 1.96
N GLN A 16 -2.86 10.15 2.51
CA GLN A 16 -2.71 11.35 3.32
C GLN A 16 -1.84 11.10 4.57
N ALA A 17 -2.03 9.94 5.21
CA ALA A 17 -1.21 9.60 6.38
C ALA A 17 0.26 9.48 6.00
N LEU A 18 0.52 8.95 4.80
CA LEU A 18 1.89 8.84 4.30
C LEU A 18 2.46 10.22 3.93
N ILE A 19 1.63 11.08 3.35
CA ILE A 19 2.07 12.44 3.06
C ILE A 19 2.48 13.12 4.37
N ASP A 20 1.62 13.02 5.38
CA ASP A 20 1.89 13.66 6.66
C ASP A 20 3.18 13.14 7.29
N SER A 21 3.35 11.82 7.30
N SER A 21 3.37 11.82 7.29
CA SER A 21 4.51 11.21 7.94
CA SER A 21 4.52 11.23 7.96
C SER A 21 5.81 11.53 7.24
C SER A 21 5.82 11.53 7.23
N THR A 22 5.79 11.48 5.91
CA THR A 22 7.02 11.62 5.12
C THR A 22 7.48 13.08 5.08
N ARG A 23 6.66 13.99 5.58
CA ARG A 23 7.07 15.39 5.63
C ARG A 23 7.67 15.78 6.98
N GLU A 24 7.61 14.87 7.96
CA GLU A 24 8.29 15.09 9.24
C GLU A 24 9.79 15.11 8.99
N PRO A 25 10.52 15.98 9.72
CA PRO A 25 11.95 16.18 9.48
C PRO A 25 12.75 14.89 9.44
N ASN A 26 12.44 13.94 10.32
CA ASN A 26 13.26 12.72 10.38
C ASN A 26 12.84 11.64 9.40
N SER A 27 11.88 11.96 8.51
CA SER A 27 11.47 10.97 7.52
C SER A 27 12.58 10.59 6.56
N SER A 28 12.76 9.28 6.36
N SER A 28 12.76 9.28 6.36
CA SER A 28 13.75 8.77 5.42
CA SER A 28 13.75 8.79 5.42
C SER A 28 13.14 8.59 4.04
C SER A 28 13.13 8.56 4.04
N ALA A 29 11.86 8.91 3.91
CA ALA A 29 11.14 8.73 2.65
C ALA A 29 10.57 10.05 2.14
N GLN A 30 10.57 10.22 0.82
CA GLN A 30 9.88 11.35 0.21
C GLN A 30 8.92 10.81 -0.85
N ILE A 31 7.71 11.35 -0.90
CA ILE A 31 6.76 10.91 -1.92
C ILE A 31 6.91 11.79 -3.16
N ASP A 32 7.30 11.18 -4.28
CA ASP A 32 7.62 11.94 -5.49
C ASP A 32 6.59 11.83 -6.59
N ILE A 33 5.68 10.86 -6.47
CA ILE A 33 4.64 10.68 -7.48
C ILE A 33 3.49 9.86 -6.91
N VAL A 34 2.28 10.23 -7.29
CA VAL A 34 1.09 9.46 -6.95
C VAL A 34 0.46 8.96 -8.25
N ILE A 35 0.20 7.66 -8.32
CA ILE A 35 -0.39 7.06 -9.51
C ILE A 35 -1.73 6.43 -9.17
N SER A 36 -2.75 6.74 -9.96
CA SER A 36 -4.05 6.13 -9.80
C SER A 36 -4.43 5.34 -11.05
N ASN A 37 -5.13 4.22 -10.87
CA ASN A 37 -5.69 3.50 -12.00
C ASN A 37 -7.11 4.01 -12.30
N LYS A 38 -7.60 4.92 -11.46
CA LYS A 38 -8.94 5.47 -11.60
C LYS A 38 -8.90 6.99 -11.66
N ALA A 39 -9.68 7.56 -12.58
CA ALA A 39 -9.76 9.00 -12.73
C ALA A 39 -10.69 9.62 -11.70
N ALA A 40 -10.43 10.88 -11.35
CA ALA A 40 -11.34 11.70 -10.57
C ALA A 40 -11.65 11.12 -9.18
N VAL A 41 -10.68 10.45 -8.57
CA VAL A 41 -10.87 9.96 -7.21
C VAL A 41 -10.25 10.95 -6.23
N ALA A 42 -10.73 10.91 -4.98
CA ALA A 42 -10.36 11.91 -3.97
C ALA A 42 -8.88 11.90 -3.63
N GLY A 43 -8.23 10.74 -3.77
CA GLY A 43 -6.81 10.65 -3.49
C GLY A 43 -5.98 11.57 -4.37
N LEU A 44 -6.44 11.77 -5.60
CA LEU A 44 -5.74 12.67 -6.53
C LEU A 44 -5.81 14.12 -6.05
N ASP A 45 -6.95 14.51 -5.48
CA ASP A 45 -7.11 15.86 -4.92
C ASP A 45 -6.15 16.06 -3.76
N LYS A 46 -6.00 15.03 -2.94
CA LYS A 46 -5.12 15.10 -1.78
C LYS A 46 -3.68 15.29 -2.23
N ALA A 47 -3.28 14.56 -3.26
CA ALA A 47 -1.93 14.68 -3.78
C ALA A 47 -1.69 16.08 -4.34
N GLU A 48 -2.64 16.57 -5.12
CA GLU A 48 -2.52 17.88 -5.75
C GLU A 48 -2.43 18.97 -4.69
N ARG A 49 -3.25 18.84 -3.65
CA ARG A 49 -3.27 19.80 -2.54
C ARG A 49 -1.91 19.83 -1.83
N ALA A 50 -1.22 18.70 -1.83
CA ALA A 50 0.09 18.60 -1.18
C ALA A 50 1.24 18.90 -2.13
N GLY A 51 0.92 19.29 -3.36
CA GLY A 51 1.94 19.65 -4.33
C GLY A 51 2.73 18.48 -4.89
N ILE A 52 2.13 17.29 -4.85
CA ILE A 52 2.74 16.10 -5.41
C ILE A 52 2.17 15.79 -6.79
N PRO A 53 3.04 15.53 -7.78
N PRO A 53 3.03 15.55 -7.78
CA PRO A 53 2.63 15.16 -9.13
CA PRO A 53 2.54 15.24 -9.13
C PRO A 53 1.73 13.93 -9.16
C PRO A 53 1.73 13.95 -9.17
N THR A 54 0.80 13.88 -10.10
CA THR A 54 -0.06 12.71 -10.26
C THR A 54 -0.09 12.20 -11.69
N ARG A 55 -0.32 10.89 -11.84
N ARG A 55 -0.33 10.90 -11.83
CA ARG A 55 -0.58 10.30 -13.14
CA ARG A 55 -0.56 10.28 -13.12
C ARG A 55 -1.72 9.31 -13.02
C ARG A 55 -1.73 9.31 -13.01
N VAL A 56 -2.64 9.35 -13.98
CA VAL A 56 -3.72 8.38 -14.04
C VAL A 56 -3.42 7.41 -15.18
N ILE A 57 -3.39 6.12 -14.86
CA ILE A 57 -3.18 5.09 -15.85
C ILE A 57 -4.41 4.21 -15.94
N ASN A 58 -5.27 4.49 -16.91
CA ASN A 58 -6.50 3.72 -17.10
C ASN A 58 -6.19 2.30 -17.55
N HIS A 59 -6.32 1.35 -16.63
CA HIS A 59 -6.07 -0.05 -16.94
C HIS A 59 -6.99 -0.55 -18.03
N LYS A 60 -8.08 0.19 -18.26
CA LYS A 60 -9.02 -0.12 -19.31
C LYS A 60 -8.56 0.35 -20.69
N LEU A 61 -7.27 0.65 -20.84
CA LEU A 61 -6.74 1.11 -22.12
C LEU A 61 -5.57 0.28 -22.63
N TYR A 62 -5.26 -0.82 -21.94
CA TYR A 62 -4.15 -1.67 -22.31
C TYR A 62 -4.64 -3.08 -22.64
N LYS A 63 -3.86 -3.81 -23.44
CA LYS A 63 -4.29 -5.12 -23.92
C LYS A 63 -4.36 -6.14 -22.78
N ASN A 64 -3.42 -6.06 -21.85
CA ASN A 64 -3.36 -7.02 -20.76
C ASN A 64 -2.73 -6.43 -19.50
N ARG A 65 -2.66 -7.23 -18.44
CA ARG A 65 -2.10 -6.80 -17.16
C ARG A 65 -0.63 -6.41 -17.27
N VAL A 66 0.13 -7.16 -18.06
CA VAL A 66 1.57 -6.90 -18.21
C VAL A 66 1.84 -5.54 -18.84
N GLU A 67 1.05 -5.18 -19.85
CA GLU A 67 1.22 -3.89 -20.52
C GLU A 67 0.83 -2.74 -19.59
N PHE A 68 -0.21 -2.95 -18.79
CA PHE A 68 -0.64 -1.96 -17.83
C PHE A 68 0.45 -1.70 -16.80
N ASP A 69 1.01 -2.77 -16.26
CA ASP A 69 2.07 -2.67 -15.27
C ASP A 69 3.31 -2.03 -15.88
N SER A 70 3.55 -2.29 -17.16
N SER A 70 3.55 -2.29 -17.16
CA SER A 70 4.68 -1.69 -17.86
CA SER A 70 4.69 -1.69 -17.85
C SER A 70 4.51 -0.17 -17.92
C SER A 70 4.52 -0.17 -17.93
N ALA A 71 3.27 0.28 -18.07
CA ALA A 71 2.98 1.70 -18.09
C ALA A 71 3.24 2.32 -16.72
N ILE A 72 2.91 1.58 -15.67
CA ILE A 72 3.22 2.05 -14.31
C ILE A 72 4.73 2.17 -14.16
N ASP A 73 5.43 1.11 -14.53
CA ASP A 73 6.87 1.03 -14.36
C ASP A 73 7.60 2.17 -15.06
N LEU A 74 7.11 2.56 -16.24
CA LEU A 74 7.71 3.67 -16.96
C LEU A 74 7.69 4.94 -16.13
N VAL A 75 6.56 5.18 -15.45
CA VAL A 75 6.42 6.35 -14.60
C VAL A 75 7.33 6.23 -13.38
N LEU A 76 7.43 5.02 -12.84
CA LEU A 76 8.31 4.78 -11.72
C LEU A 76 9.76 5.12 -12.09
N GLU A 77 10.17 4.73 -13.30
CA GLU A 77 11.53 5.01 -13.75
C GLU A 77 11.73 6.50 -13.99
N GLU A 78 10.72 7.14 -14.58
CA GLU A 78 10.75 8.57 -14.83
C GLU A 78 11.05 9.38 -13.57
N PHE A 79 10.50 8.94 -12.45
CA PHE A 79 10.67 9.64 -11.17
C PHE A 79 11.75 9.00 -10.29
N SER A 80 12.56 8.11 -10.87
CA SER A 80 13.66 7.45 -10.16
C SER A 80 13.23 6.89 -8.81
N ILE A 81 12.14 6.14 -8.82
CA ILE A 81 11.54 5.63 -7.59
C ILE A 81 12.32 4.46 -7.00
N ASP A 82 12.46 4.46 -5.67
CA ASP A 82 13.11 3.39 -4.92
C ASP A 82 12.11 2.41 -4.30
N ILE A 83 10.99 2.96 -3.83
CA ILE A 83 10.00 2.20 -3.07
C ILE A 83 8.60 2.51 -3.56
N VAL A 84 7.79 1.47 -3.71
CA VAL A 84 6.39 1.61 -4.10
C VAL A 84 5.47 1.25 -2.95
N CYS A 85 4.49 2.11 -2.67
CA CYS A 85 3.46 1.82 -1.66
C CYS A 85 2.11 1.67 -2.33
N LEU A 86 1.47 0.52 -2.12
CA LEU A 86 0.10 0.32 -2.60
C LEU A 86 -0.84 0.75 -1.49
N ALA A 87 -1.60 1.82 -1.72
CA ALA A 87 -2.40 2.42 -0.66
C ALA A 87 -3.84 2.53 -1.14
N GLY A 88 -4.59 1.44 -0.97
CA GLY A 88 -5.92 1.35 -1.54
C GLY A 88 -5.90 1.14 -3.04
N PHE A 89 -4.78 0.65 -3.56
CA PHE A 89 -4.67 0.28 -4.97
C PHE A 89 -5.27 -1.10 -5.17
N MET A 90 -6.36 -1.17 -5.93
CA MET A 90 -7.14 -2.41 -5.97
C MET A 90 -6.98 -3.15 -7.29
N ARG A 91 -5.74 -3.43 -7.66
CA ARG A 91 -5.45 -4.27 -8.81
C ARG A 91 -4.38 -5.29 -8.44
N ILE A 92 -4.49 -6.48 -9.04
CA ILE A 92 -3.44 -7.49 -8.90
C ILE A 92 -2.30 -7.15 -9.86
N LEU A 93 -1.07 -7.17 -9.36
CA LEU A 93 0.09 -6.88 -10.18
C LEU A 93 0.68 -8.13 -10.81
N SER A 94 1.19 -7.99 -12.03
CA SER A 94 1.76 -9.12 -12.76
C SER A 94 3.06 -9.62 -12.15
N GLY A 95 3.37 -10.89 -12.42
CA GLY A 95 4.61 -11.50 -11.95
C GLY A 95 5.91 -10.74 -12.20
N PRO A 96 6.16 -10.37 -13.47
CA PRO A 96 7.42 -9.68 -13.78
C PRO A 96 7.57 -8.33 -13.06
N PHE A 97 6.46 -7.60 -12.94
CA PHE A 97 6.47 -6.33 -12.23
C PHE A 97 6.80 -6.56 -10.76
N VAL A 98 6.16 -7.54 -10.14
CA VAL A 98 6.38 -7.88 -8.75
C VAL A 98 7.82 -8.32 -8.52
N GLN A 99 8.36 -9.12 -9.44
CA GLN A 99 9.72 -9.60 -9.28
C GLN A 99 10.72 -8.45 -9.40
N LYS A 100 10.47 -7.54 -10.33
CA LYS A 100 11.35 -6.38 -10.50
C LYS A 100 11.42 -5.54 -9.23
N TRP A 101 10.27 -5.41 -8.55
CA TRP A 101 10.19 -4.55 -7.38
C TRP A 101 10.25 -5.34 -6.08
N ASN A 102 10.68 -6.59 -6.19
CA ASN A 102 10.78 -7.46 -5.02
C ASN A 102 11.63 -6.81 -3.92
N GLY A 103 11.05 -6.69 -2.72
CA GLY A 103 11.73 -6.11 -1.58
C GLY A 103 11.63 -4.60 -1.54
N LYS A 104 10.93 -4.04 -2.52
N LYS A 104 10.94 -4.01 -2.51
CA LYS A 104 10.82 -2.59 -2.69
CA LYS A 104 10.81 -2.55 -2.57
C LYS A 104 9.37 -2.11 -2.84
C LYS A 104 9.36 -2.08 -2.65
N MET A 105 8.42 -3.02 -2.62
CA MET A 105 7.01 -2.67 -2.77
C MET A 105 6.19 -3.16 -1.58
N LEU A 106 5.47 -2.21 -0.95
CA LEU A 106 4.70 -2.47 0.27
C LEU A 106 3.21 -2.37 -0.03
N ASN A 107 2.40 -3.15 0.68
CA ASN A 107 0.93 -3.08 0.55
C ASN A 107 0.29 -3.00 1.91
N ILE A 108 -0.82 -2.25 2.03
CA ILE A 108 -1.61 -2.25 3.27
C ILE A 108 -2.88 -3.07 3.02
N HIS A 109 -3.20 -3.94 3.96
CA HIS A 109 -4.33 -4.85 3.82
C HIS A 109 -5.14 -4.82 5.11
N PRO A 110 -6.48 -4.66 5.00
CA PRO A 110 -7.27 -4.44 6.22
C PRO A 110 -7.72 -5.75 6.89
N SER A 111 -6.78 -6.65 7.10
CA SER A 111 -7.01 -7.77 8.02
C SER A 111 -5.70 -8.12 8.67
N LEU A 112 -5.75 -9.00 9.66
CA LEU A 112 -4.54 -9.64 10.16
C LEU A 112 -4.22 -10.84 9.29
N LEU A 113 -3.39 -10.64 8.26
CA LEU A 113 -2.96 -11.73 7.42
C LEU A 113 -2.30 -12.78 8.31
N PRO A 114 -2.47 -14.06 8.00
CA PRO A 114 -3.01 -14.61 6.74
C PRO A 114 -4.53 -14.76 6.69
N SER A 115 -5.26 -14.29 7.69
CA SER A 115 -6.73 -14.33 7.61
C SER A 115 -7.25 -13.33 6.57
N PHE A 116 -8.32 -13.73 5.89
CA PHE A 116 -9.15 -12.82 5.08
C PHE A 116 -8.36 -12.14 4.00
N LYS A 117 -7.67 -12.94 3.20
CA LYS A 117 -7.01 -12.43 2.00
C LYS A 117 -8.03 -11.96 0.98
N GLY A 118 -7.65 -11.01 0.14
CA GLY A 118 -8.49 -10.64 -0.99
C GLY A 118 -9.11 -9.27 -0.90
N SER A 119 -10.09 -9.01 -1.75
CA SER A 119 -10.58 -7.65 -1.94
C SER A 119 -11.66 -7.20 -0.96
N ASN A 120 -12.21 -8.14 -0.19
CA ASN A 120 -13.32 -7.83 0.72
C ASN A 120 -13.07 -8.33 2.14
N ALA A 121 -11.92 -7.96 2.69
CA ALA A 121 -11.51 -8.47 3.99
C ALA A 121 -12.53 -8.21 5.09
N HIS A 122 -13.13 -7.02 5.13
CA HIS A 122 -14.07 -6.70 6.22
C HIS A 122 -15.32 -7.57 6.13
N GLU A 123 -15.84 -7.74 4.92
CA GLU A 123 -17.00 -8.61 4.72
C GLU A 123 -16.70 -10.01 5.27
N GLN A 124 -15.50 -10.49 4.98
CA GLN A 124 -15.10 -11.82 5.42
C GLN A 124 -14.99 -11.90 6.93
N ALA A 125 -14.35 -10.89 7.52
CA ALA A 125 -14.18 -10.86 8.97
C ALA A 125 -15.54 -10.85 9.69
N LEU A 126 -16.48 -10.07 9.17
CA LEU A 126 -17.80 -10.00 9.77
C LEU A 126 -18.57 -11.30 9.58
N GLU A 127 -18.48 -11.88 8.40
CA GLU A 127 -19.18 -13.14 8.13
C GLU A 127 -18.65 -14.26 9.04
N THR A 128 -17.34 -14.25 9.24
CA THR A 128 -16.68 -15.28 10.04
C THR A 128 -16.97 -15.12 11.54
N GLY A 129 -17.15 -13.89 11.99
CA GLY A 129 -17.52 -13.63 13.36
C GLY A 129 -16.36 -13.42 14.31
N VAL A 130 -15.20 -13.04 13.79
CA VAL A 130 -14.07 -12.74 14.67
C VAL A 130 -14.42 -11.56 15.57
N THR A 131 -13.82 -11.50 16.76
CA THR A 131 -13.97 -10.31 17.59
C THR A 131 -12.70 -9.44 17.58
N VAL A 132 -11.66 -9.95 16.94
CA VAL A 132 -10.43 -9.18 16.73
C VAL A 132 -10.05 -9.25 15.27
N THR A 133 -9.92 -8.10 14.62
CA THR A 133 -9.37 -8.08 13.28
C THR A 133 -8.17 -7.14 13.31
N GLY A 134 -7.82 -6.51 12.20
CA GLY A 134 -6.70 -5.58 12.24
C GLY A 134 -6.24 -5.26 10.83
N CYS A 135 -4.99 -4.81 10.72
CA CYS A 135 -4.44 -4.52 9.41
C CYS A 135 -2.99 -4.95 9.36
N THR A 136 -2.48 -5.08 8.13
CA THR A 136 -1.17 -5.65 7.86
C THR A 136 -0.46 -4.83 6.79
N VAL A 137 0.80 -4.47 7.03
CA VAL A 137 1.66 -4.00 5.94
C VAL A 137 2.63 -5.11 5.61
N HIS A 138 2.71 -5.46 4.33
CA HIS A 138 3.58 -6.55 3.92
C HIS A 138 4.30 -6.23 2.61
N PHE A 139 5.45 -6.85 2.41
CA PHE A 139 6.07 -6.80 1.09
C PHE A 139 5.17 -7.52 0.09
N VAL A 140 5.09 -6.99 -1.12
CA VAL A 140 4.27 -7.60 -2.16
C VAL A 140 5.02 -8.72 -2.88
N ALA A 141 4.44 -9.92 -2.85
CA ALA A 141 4.96 -11.07 -3.58
C ALA A 141 3.96 -11.43 -4.68
N GLU A 142 4.27 -12.39 -5.53
N GLU A 142 4.31 -12.37 -5.54
CA GLU A 142 3.34 -12.71 -6.62
CA GLU A 142 3.48 -12.72 -6.68
C GLU A 142 2.00 -13.20 -6.08
C GLU A 142 2.12 -13.23 -6.24
N ASP A 143 2.06 -14.14 -5.14
N ASP A 143 2.10 -14.13 -5.27
CA ASP A 143 0.86 -14.66 -4.49
CA ASP A 143 0.84 -14.55 -4.68
C ASP A 143 0.19 -13.55 -3.66
C ASP A 143 0.25 -13.42 -3.86
N VAL A 144 -1.04 -13.17 -4.03
CA VAL A 144 -1.69 -12.02 -3.42
C VAL A 144 -1.86 -12.15 -1.91
N ASP A 145 -1.44 -11.10 -1.20
CA ASP A 145 -1.50 -11.02 0.26
C ASP A 145 -0.71 -12.11 0.96
N ALA A 146 0.32 -12.63 0.31
CA ALA A 146 1.12 -13.70 0.88
C ALA A 146 2.57 -13.31 1.15
N GLY A 147 2.94 -12.08 0.81
CA GLY A 147 4.31 -11.62 0.99
C GLY A 147 4.69 -11.40 2.44
N GLN A 148 5.97 -11.15 2.67
CA GLN A 148 6.50 -11.06 4.04
C GLN A 148 5.92 -9.90 4.83
N ILE A 149 5.46 -10.22 6.04
CA ILE A 149 4.80 -9.24 6.89
C ILE A 149 5.80 -8.33 7.57
N ILE A 150 5.52 -7.03 7.53
CA ILE A 150 6.38 -6.01 8.14
C ILE A 150 5.80 -5.55 9.49
N LEU A 151 4.57 -5.06 9.49
CA LEU A 151 3.89 -4.64 10.74
C LEU A 151 2.44 -5.02 10.68
N GLN A 152 1.85 -5.19 11.86
CA GLN A 152 0.42 -5.45 11.99
C GLN A 152 -0.08 -4.73 13.21
N GLU A 153 -1.39 -4.44 13.23
CA GLU A 153 -2.03 -3.89 14.42
C GLU A 153 -3.43 -4.47 14.55
N ALA A 154 -3.73 -4.99 15.74
CA ALA A 154 -5.06 -5.54 16.01
C ALA A 154 -6.09 -4.45 16.31
N VAL A 155 -7.32 -4.71 15.88
CA VAL A 155 -8.44 -3.78 16.04
C VAL A 155 -9.65 -4.59 16.45
N PRO A 156 -10.36 -4.17 17.52
CA PRO A 156 -11.51 -4.97 17.91
C PRO A 156 -12.67 -4.85 16.94
N VAL A 157 -13.45 -5.92 16.84
CA VAL A 157 -14.76 -5.88 16.19
C VAL A 157 -15.80 -5.68 17.26
N LYS A 158 -16.69 -4.73 17.06
CA LYS A 158 -17.75 -4.45 18.03
C LYS A 158 -19.04 -5.07 17.56
N ARG A 159 -19.87 -5.49 18.52
CA ARG A 159 -21.18 -6.03 18.18
C ARG A 159 -21.97 -5.01 17.36
N GLY A 160 -22.57 -5.49 16.27
CA GLY A 160 -23.32 -4.61 15.38
C GLY A 160 -22.49 -3.92 14.32
N ASP A 161 -21.18 -4.16 14.30
CA ASP A 161 -20.33 -3.53 13.28
C ASP A 161 -20.80 -3.85 11.88
N THR A 162 -20.56 -2.91 10.98
CA THR A 162 -20.78 -3.10 9.57
C THR A 162 -19.46 -2.85 8.87
N VAL A 163 -19.40 -3.07 7.57
CA VAL A 163 -18.20 -2.67 6.83
C VAL A 163 -17.90 -1.19 7.08
N ALA A 164 -18.93 -0.36 7.10
CA ALA A 164 -18.74 1.08 7.33
C ALA A 164 -18.04 1.37 8.67
N THR A 165 -18.56 0.80 9.77
CA THR A 165 -18.00 1.15 11.08
C THR A 165 -16.69 0.41 11.36
N LEU A 166 -16.56 -0.82 10.86
CA LEU A 166 -15.34 -1.58 11.07
C LEU A 166 -14.19 -1.00 10.25
N SER A 167 -14.43 -0.68 8.98
N SER A 167 -14.43 -0.69 8.98
CA SER A 167 -13.38 -0.13 8.13
CA SER A 167 -13.39 -0.12 8.12
C SER A 167 -12.90 1.21 8.69
C SER A 167 -12.90 1.21 8.68
N GLU A 168 -13.83 1.98 9.25
CA GLU A 168 -13.47 3.26 9.86
C GLU A 168 -12.51 3.04 11.03
N ARG A 169 -12.80 2.07 11.89
CA ARG A 169 -11.95 1.80 13.04
C ARG A 169 -10.59 1.27 12.59
N VAL A 170 -10.60 0.37 11.61
CA VAL A 170 -9.36 -0.24 11.15
C VAL A 170 -8.47 0.77 10.42
N LYS A 171 -9.08 1.73 9.71
CA LYS A 171 -8.27 2.76 9.05
C LYS A 171 -7.45 3.61 10.02
N LEU A 172 -7.93 3.80 11.25
CA LEU A 172 -7.14 4.53 12.25
C LEU A 172 -5.81 3.81 12.51
N ALA A 173 -5.85 2.48 12.50
CA ALA A 173 -4.66 1.69 12.70
C ALA A 173 -3.79 1.68 11.44
N GLU A 174 -4.43 1.60 10.28
CA GLU A 174 -3.71 1.60 9.02
C GLU A 174 -2.84 2.84 8.92
N HIS A 175 -3.39 3.96 9.36
CA HIS A 175 -2.71 5.24 9.27
C HIS A 175 -1.54 5.34 10.23
N LYS A 176 -1.44 4.40 11.17
N LYS A 176 -1.46 4.41 11.18
CA LYS A 176 -0.30 4.33 12.07
CA LYS A 176 -0.32 4.31 12.07
C LYS A 176 0.77 3.39 11.50
C LYS A 176 0.75 3.40 11.48
N ILE A 177 0.37 2.17 11.14
CA ILE A 177 1.39 1.19 10.72
C ILE A 177 1.91 1.40 9.29
N PHE A 178 1.14 1.98 8.37
CA PHE A 178 1.72 2.16 7.03
C PHE A 178 2.90 3.16 7.12
N PRO A 179 2.69 4.35 7.73
CA PRO A 179 3.84 5.25 7.86
C PRO A 179 5.02 4.64 8.61
N ALA A 180 4.74 3.88 9.68
CA ALA A 180 5.82 3.27 10.44
C ALA A 180 6.59 2.26 9.57
N ALA A 181 5.84 1.44 8.82
CA ALA A 181 6.48 0.42 7.96
C ALA A 181 7.29 1.06 6.85
N LEU A 182 6.75 2.11 6.23
CA LEU A 182 7.50 2.80 5.19
C LEU A 182 8.81 3.36 5.73
N GLN A 183 8.76 3.91 6.94
CA GLN A 183 9.97 4.48 7.54
C GLN A 183 10.99 3.36 7.83
N LEU A 184 10.51 2.20 8.27
CA LEU A 184 11.41 1.06 8.52
C LEU A 184 12.16 0.62 7.26
N VAL A 185 11.43 0.55 6.14
CA VAL A 185 12.05 0.12 4.88
C VAL A 185 12.92 1.22 4.27
N ALA A 186 12.43 2.47 4.29
CA ALA A 186 13.16 3.58 3.68
C ALA A 186 14.47 3.88 4.42
N SER A 187 14.50 3.61 5.72
N SER A 187 14.51 3.62 5.72
CA SER A 187 15.69 3.83 6.54
CA SER A 187 15.73 3.85 6.49
C SER A 187 16.67 2.66 6.46
C SER A 187 16.74 2.73 6.25
N GLY A 188 16.25 1.58 5.79
CA GLY A 188 17.08 0.39 5.67
C GLY A 188 17.10 -0.44 6.95
N THR A 189 16.17 -0.15 7.85
CA THR A 189 16.08 -0.88 9.11
C THR A 189 15.54 -2.28 8.88
N VAL A 190 14.59 -2.38 7.96
CA VAL A 190 13.98 -3.65 7.61
C VAL A 190 14.17 -3.88 6.13
N GLN A 191 14.58 -5.10 5.76
CA GLN A 191 14.61 -5.45 4.36
C GLN A 191 14.12 -6.87 4.17
N LEU A 192 13.75 -7.19 2.94
CA LEU A 192 13.45 -8.56 2.57
C LEU A 192 14.77 -9.33 2.56
N GLY A 193 14.87 -10.40 3.35
CA GLY A 193 16.11 -11.15 3.43
C GLY A 193 16.34 -12.03 2.21
N GLU A 194 17.60 -12.37 1.96
CA GLU A 194 17.98 -13.25 0.84
C GLU A 194 17.24 -14.58 0.90
N ASN A 195 17.00 -15.06 2.12
CA ASN A 195 16.21 -16.27 2.35
C ASN A 195 14.72 -16.01 2.22
N GLY A 196 14.37 -14.83 1.72
CA GLY A 196 12.98 -14.47 1.51
C GLY A 196 12.29 -13.97 2.76
N LYS A 197 12.90 -14.18 3.92
CA LYS A 197 12.28 -13.80 5.20
C LYS A 197 12.62 -12.38 5.60
N ILE A 198 11.82 -11.80 6.50
CA ILE A 198 12.01 -10.42 6.92
C ILE A 198 13.31 -10.27 7.73
N CYS A 199 14.14 -9.29 7.37
CA CYS A 199 15.42 -9.10 8.04
C CYS A 199 15.47 -7.74 8.73
N TRP A 200 15.64 -7.75 10.05
CA TRP A 200 15.84 -6.50 10.79
C TRP A 200 17.34 -6.22 10.84
N VAL A 201 17.80 -5.35 9.95
CA VAL A 201 19.22 -5.06 9.77
C VAL A 201 19.84 -4.28 10.93
#